data_6IY5
#
_entry.id   6IY5
#
loop_
_entity.id
_entity.type
_entity.pdbx_description
1 polymer "DNA (5'-D(*AP*TP*TP*CP*TP*AP*TP*TP*CP*T)-3')"
2 non-polymer 'SODIUM ION'
#
_entity_poly.entity_id   1
_entity_poly.type   'polydeoxyribonucleotide'
_entity_poly.pdbx_seq_one_letter_code
;(DA)(DT)(DT)(DC)(DT)(DA)(DT)(DT)(DC)(DT)
;
_entity_poly.pdbx_strand_id   A
#